data_4CRC
#
_entry.id   4CRC
#
_cell.length_a   117.760
_cell.length_b   117.760
_cell.length_c   117.760
_cell.angle_alpha   90.00
_cell.angle_beta   90.00
_cell.angle_gamma   90.00
#
_symmetry.space_group_name_H-M   'I 2 3'
#
loop_
_entity.id
_entity.type
_entity.pdbx_description
1 polymer 'COAGULATION FACTOR XI'
2 non-polymer (2S)-2-[[(E)-3-[5-chloranyl-2-(1,2,3,4-tetrazol-1-yl)phenyl]prop-2-enoyl]amino]-3-phenyl-N-[4-(1H-1,2,3,4-tetrazol-5-yl)phenyl]propanamide
3 non-polymer 'SULFATE ION'
4 water water
#
_entity_poly.entity_id   1
_entity_poly.type   'polypeptide(L)'
_entity_poly.pdbx_seq_one_letter_code
;IVGGTASVRGEWPWQVTLHTTSPTQRHLCGGSIIGNQWILTAAHCFYGVESPKILRVYSGILNQAEIAEDTSFFGVQEII
IHDQYKMAESGYDIALLKLETTVNYADSQRPISLPSKGERNVIYTDCWVTGWGYRKLRDKIQNTLQKAKIPLVTNEECQK
RYRGHKITHKMICAGYREGGKDACKGDSGGPLSCKHNEVWHLVGITSWGEGCAQRERPGVYTNVVEYVDWILEKTQAV
;
_entity_poly.pdbx_strand_id   A
#
loop_
_chem_comp.id
_chem_comp.type
_chem_comp.name
_chem_comp.formula
OTM non-polymer (2S)-2-[[(E)-3-[5-chloranyl-2-(1,2,3,4-tetrazol-1-yl)phenyl]prop-2-enoyl]amino]-3-phenyl-N-[4-(1H-1,2,3,4-tetrazol-5-yl)phenyl]propanamide 'C26 H21 Cl N10 O2'
SO4 non-polymer 'SULFATE ION' 'O4 S -2'
#
# COMPACT_ATOMS: atom_id res chain seq x y z
N ILE A 1 8.51 -7.04 3.30
CA ILE A 1 7.81 -8.29 2.87
C ILE A 1 8.55 -9.50 3.47
N VAL A 2 7.85 -10.29 4.26
CA VAL A 2 8.43 -11.52 4.84
C VAL A 2 8.14 -12.68 3.91
N GLY A 3 9.15 -13.53 3.69
CA GLY A 3 8.98 -14.74 2.90
C GLY A 3 8.81 -14.53 1.41
N GLY A 4 9.17 -13.34 0.93
CA GLY A 4 9.05 -13.00 -0.47
C GLY A 4 10.35 -13.18 -1.22
N THR A 5 10.37 -12.65 -2.45
CA THR A 5 11.56 -12.65 -3.28
C THR A 5 11.72 -11.29 -3.97
N ALA A 6 12.92 -11.03 -4.47
CA ALA A 6 13.19 -9.80 -5.20
C ALA A 6 12.33 -9.73 -6.45
N SER A 7 11.74 -8.56 -6.69
CA SER A 7 11.01 -8.31 -7.90
C SER A 7 11.97 -7.98 -9.02
N VAL A 8 11.43 -7.94 -10.23
CA VAL A 8 12.16 -7.57 -11.43
C VAL A 8 11.64 -6.21 -11.90
N ARG A 9 12.51 -5.45 -12.58
CA ARG A 9 12.11 -4.15 -13.11
C ARG A 9 10.90 -4.25 -14.02
N GLY A 10 9.93 -3.37 -13.79
CA GLY A 10 8.73 -3.32 -14.62
C GLY A 10 7.60 -4.25 -14.22
N GLU A 11 7.77 -5.09 -13.21
CA GLU A 11 6.67 -6.03 -12.91
C GLU A 11 5.59 -5.43 -12.02
N TRP A 12 5.91 -4.40 -11.22
CA TRP A 12 4.90 -3.69 -10.41
C TRP A 12 4.94 -2.17 -10.68
N PRO A 13 4.61 -1.74 -11.91
CA PRO A 13 4.84 -0.36 -12.29
C PRO A 13 3.92 0.69 -11.65
N TRP A 14 2.90 0.24 -10.92
CA TRP A 14 2.07 1.15 -10.13
C TRP A 14 2.65 1.42 -8.74
N GLN A 15 3.60 0.60 -8.32
CA GLN A 15 4.22 0.75 -7.00
C GLN A 15 5.12 1.97 -6.98
N VAL A 16 4.93 2.82 -5.97
CA VAL A 16 5.83 3.94 -5.70
C VAL A 16 6.40 3.84 -4.30
N THR A 17 7.51 4.56 -4.09
CA THR A 17 8.06 4.73 -2.76
C THR A 17 7.87 6.21 -2.38
N LEU A 18 7.20 6.43 -1.26
CA LEU A 18 6.98 7.77 -0.72
C LEU A 18 8.06 8.08 0.30
N HIS A 19 8.82 9.15 0.08
CA HIS A 19 9.83 9.60 1.02
C HIS A 19 9.39 10.85 1.79
N THR A 20 9.87 10.97 3.02
CA THR A 20 9.77 12.22 3.77
C THR A 20 11.16 12.82 3.80
N THR A 21 11.25 14.14 3.90
CA THR A 21 12.55 14.82 4.02
C THR A 21 12.84 15.30 5.45
N SER A 22 11.87 15.14 6.36
CA SER A 22 12.02 15.65 7.73
C SER A 22 11.97 14.53 8.76
N PRO A 23 12.95 14.49 9.69
CA PRO A 23 14.12 15.38 9.79
C PRO A 23 15.19 15.14 8.72
N THR A 24 15.18 13.97 8.08
CA THR A 24 16.12 13.65 7.01
C THR A 24 15.42 12.74 6.00
N GLN A 25 15.94 12.65 4.78
CA GLN A 25 15.22 11.92 3.73
C GLN A 25 15.29 10.40 3.93
N ARG A 26 14.12 9.77 3.90
CA ARG A 26 14.03 8.32 4.02
C ARG A 26 12.69 7.84 3.48
N HIS A 27 12.68 6.58 3.06
CA HIS A 27 11.43 5.88 2.72
C HIS A 27 10.47 5.89 3.89
N LEU A 28 9.22 6.28 3.62
CA LEU A 28 8.19 6.38 4.63
C LEU A 28 7.15 5.27 4.45
N CYS A 29 6.64 5.14 3.22
CA CYS A 29 5.53 4.24 2.92
C CYS A 29 5.54 3.88 1.46
N GLY A 30 4.81 2.82 1.12
CA GLY A 30 4.49 2.50 -0.26
C GLY A 30 3.27 3.28 -0.71
N GLY A 31 2.97 3.19 -2.00
CA GLY A 31 1.79 3.80 -2.57
C GLY A 31 1.54 3.19 -3.93
N SER A 32 0.39 3.51 -4.51
CA SER A 32 0.01 3.01 -5.84
C SER A 32 -0.44 4.15 -6.74
N ILE A 33 0.07 4.17 -7.96
CA ILE A 33 -0.40 5.11 -8.97
C ILE A 33 -1.79 4.66 -9.42
N ILE A 34 -2.78 5.53 -9.29
CA ILE A 34 -4.12 5.24 -9.79
C ILE A 34 -4.64 6.26 -10.81
N GLY A 35 -3.93 7.37 -10.97
CA GLY A 35 -4.24 8.39 -12.00
C GLY A 35 -2.97 9.17 -12.27
N ASN A 36 -3.00 10.00 -13.32
N ASN A 36 -2.95 9.99 -13.32
CA ASN A 36 -1.83 10.77 -13.73
CA ASN A 36 -1.68 10.65 -13.66
C ASN A 36 -1.25 11.67 -12.65
C ASN A 36 -1.26 11.77 -12.70
N GLN A 37 -2.12 12.11 -11.75
CA GLN A 37 -1.74 13.04 -10.67
C GLN A 37 -2.08 12.48 -9.29
N TRP A 38 -2.34 11.17 -9.19
CA TRP A 38 -2.93 10.59 -8.00
C TRP A 38 -2.24 9.31 -7.50
N ILE A 39 -1.81 9.35 -6.24
CA ILE A 39 -1.29 8.18 -5.54
C ILE A 39 -2.30 7.80 -4.45
N LEU A 40 -2.61 6.51 -4.37
CA LEU A 40 -3.43 5.97 -3.28
C LEU A 40 -2.52 5.27 -2.27
N THR A 41 -2.67 5.61 -0.99
CA THR A 41 -1.82 5.08 0.06
C THR A 41 -2.60 4.96 1.40
N ALA A 42 -1.90 4.72 2.50
CA ALA A 42 -2.54 4.58 3.80
C ALA A 42 -2.54 5.91 4.53
N ALA A 43 -3.66 6.22 5.20
CA ALA A 43 -3.79 7.43 6.02
C ALA A 43 -2.77 7.50 7.16
N HIS A 44 -2.41 6.34 7.70
CA HIS A 44 -1.55 6.30 8.89
C HIS A 44 -0.13 6.75 8.59
N CYS A 45 0.23 6.79 7.31
CA CYS A 45 1.57 7.19 6.91
C CYS A 45 1.88 8.64 7.25
N PHE A 46 0.84 9.43 7.51
CA PHE A 46 1.02 10.87 7.63
C PHE A 46 1.00 11.36 9.05
N TYR A 47 1.26 10.47 10.01
CA TYR A 47 1.40 10.91 11.39
C TYR A 47 2.49 11.98 11.47
N GLY A 48 2.17 13.11 12.08
CA GLY A 48 3.15 14.17 12.29
C GLY A 48 3.51 15.00 11.07
N VAL A 49 2.98 14.64 9.91
CA VAL A 49 3.23 15.38 8.67
C VAL A 49 2.29 16.56 8.64
N GLU A 50 2.84 17.77 8.75
CA GLU A 50 2.06 19.01 8.86
CA GLU A 50 2.03 18.98 8.84
C GLU A 50 1.93 19.73 7.52
N SER A 51 2.78 19.35 6.56
CA SER A 51 2.78 19.98 5.25
C SER A 51 3.15 18.97 4.17
N PRO A 52 2.53 19.07 2.98
CA PRO A 52 2.93 18.19 1.88
C PRO A 52 4.30 18.52 1.29
N LYS A 53 4.85 19.69 1.62
CA LYS A 53 6.14 20.13 1.10
C LYS A 53 7.31 19.19 1.42
N ILE A 54 7.21 18.45 2.52
CA ILE A 54 8.28 17.53 2.94
C ILE A 54 8.24 16.16 2.27
N LEU A 55 7.24 15.94 1.41
CA LEU A 55 7.05 14.64 0.75
C LEU A 55 7.63 14.58 -0.66
N ARG A 56 8.15 13.41 -1.02
CA ARG A 56 8.64 13.14 -2.35
C ARG A 56 8.15 11.75 -2.78
N VAL A 57 7.57 11.68 -3.98
CA VAL A 57 7.13 10.41 -4.53
C VAL A 57 8.04 10.00 -5.65
N TYR A 58 8.61 8.80 -5.54
CA TYR A 58 9.46 8.27 -6.59
C TYR A 58 8.77 7.10 -7.29
N SER A 59 8.66 7.20 -8.61
CA SER A 59 8.10 6.12 -9.42
C SER A 59 9.20 5.51 -10.30
N GLY A 60 8.88 4.35 -10.86
CA GLY A 60 9.81 3.62 -11.72
C GLY A 60 11.07 3.17 -11.01
N ILE A 61 10.95 2.85 -9.72
CA ILE A 61 12.07 2.44 -8.88
C ILE A 61 12.00 0.94 -8.58
N LEU A 62 13.13 0.24 -8.76
CA LEU A 62 13.27 -1.11 -8.24
C LEU A 62 14.07 -1.06 -6.94
N ASN A 63 15.25 -0.42 -7.03
CA ASN A 63 16.18 -0.35 -5.91
C ASN A 63 16.22 1.04 -5.29
N GLN A 64 16.14 1.09 -3.96
CA GLN A 64 16.24 2.37 -3.26
C GLN A 64 17.57 3.06 -3.58
N ALA A 65 18.59 2.28 -3.93
CA ALA A 65 19.90 2.82 -4.30
C ALA A 65 19.86 3.72 -5.55
N GLU A 66 18.79 3.63 -6.32
CA GLU A 66 18.57 4.49 -7.47
C GLU A 66 18.25 5.92 -7.09
N ILE A 67 17.87 6.14 -5.84
CA ILE A 67 17.42 7.44 -5.37
C ILE A 67 18.59 8.19 -4.72
N ALA A 68 19.10 9.17 -5.45
CA ALA A 68 20.14 10.03 -4.96
C ALA A 68 19.66 11.47 -5.09
N GLU A 69 20.53 12.42 -4.76
CA GLU A 69 20.17 13.84 -4.79
C GLU A 69 19.77 14.27 -6.20
N ASP A 70 20.35 13.62 -7.21
CA ASP A 70 20.08 13.99 -8.61
C ASP A 70 18.97 13.18 -9.27
N THR A 71 18.23 12.39 -8.48
CA THR A 71 17.13 11.57 -8.99
C THR A 71 15.83 12.38 -9.05
N SER A 72 15.11 12.25 -10.16
CA SER A 72 13.83 12.92 -10.35
C SER A 72 12.76 12.36 -9.41
N PHE A 73 11.92 13.25 -8.89
CA PHE A 73 10.79 12.85 -8.07
C PHE A 73 9.56 13.71 -8.40
N PHE A 74 8.42 13.33 -7.83
CA PHE A 74 7.19 14.12 -7.91
C PHE A 74 6.92 14.75 -6.56
N GLY A 75 6.66 16.05 -6.55
CA GLY A 75 6.21 16.73 -5.35
C GLY A 75 4.75 16.44 -5.06
N VAL A 76 4.34 16.73 -3.84
CA VAL A 76 2.96 16.52 -3.42
C VAL A 76 2.30 17.89 -3.19
N GLN A 77 1.18 18.11 -3.86
CA GLN A 77 0.39 19.33 -3.72
CA GLN A 77 0.37 19.34 -3.72
C GLN A 77 -0.54 19.25 -2.53
N GLU A 78 -1.17 18.10 -2.34
CA GLU A 78 -2.17 17.92 -1.30
C GLU A 78 -2.24 16.49 -0.77
N ILE A 79 -2.46 16.38 0.54
CA ILE A 79 -2.72 15.11 1.22
C ILE A 79 -4.19 15.07 1.58
N ILE A 80 -4.91 14.05 1.12
CA ILE A 80 -6.33 13.91 1.45
C ILE A 80 -6.53 12.65 2.26
N ILE A 81 -6.90 12.81 3.52
CA ILE A 81 -7.07 11.70 4.43
C ILE A 81 -8.56 11.52 4.67
N HIS A 82 -9.03 10.27 4.71
CA HIS A 82 -10.45 9.99 4.96
C HIS A 82 -10.89 10.62 6.28
N ASP A 83 -12.01 11.33 6.27
CA ASP A 83 -12.38 12.13 7.46
C ASP A 83 -12.87 11.31 8.67
N GLN A 84 -13.13 10.02 8.46
CA GLN A 84 -13.48 9.10 9.55
C GLN A 84 -12.26 8.35 10.09
N TYR A 85 -11.10 8.54 9.46
CA TYR A 85 -9.87 7.90 9.92
C TYR A 85 -9.39 8.42 11.28
N LYS A 86 -9.01 7.51 12.15
CA LYS A 86 -8.41 7.86 13.44
CA LYS A 86 -8.42 7.84 13.45
C LYS A 86 -7.11 7.09 13.68
N MET A 87 -7.13 5.78 13.45
CA MET A 87 -5.89 4.99 13.43
CA MET A 87 -5.95 4.91 13.57
C MET A 87 -6.07 3.74 12.60
N ALA A 88 -4.94 3.22 12.11
CA ALA A 88 -4.96 2.10 11.18
C ALA A 88 -5.83 0.92 11.64
N GLU A 89 -5.70 0.53 12.90
CA GLU A 89 -6.36 -0.68 13.39
C GLU A 89 -7.88 -0.57 13.52
N SER A 90 -8.42 0.65 13.43
CA SER A 90 -9.88 0.83 13.41
C SER A 90 -10.42 1.18 12.02
N GLY A 91 -9.56 1.19 11.01
CA GLY A 91 -10.01 1.30 9.61
C GLY A 91 -10.07 2.70 9.04
N TYR A 92 -10.77 2.83 7.91
CA TYR A 92 -10.75 4.05 7.10
C TYR A 92 -9.30 4.45 6.79
N ASP A 93 -8.43 3.46 6.70
CA ASP A 93 -7.00 3.71 6.54
C ASP A 93 -6.68 3.89 5.07
N ILE A 94 -7.00 5.08 4.56
CA ILE A 94 -6.86 5.37 3.15
C ILE A 94 -6.62 6.86 2.97
N ALA A 95 -5.76 7.18 2.02
CA ALA A 95 -5.42 8.56 1.71
C ALA A 95 -5.01 8.70 0.25
N LEU A 96 -5.21 9.90 -0.28
CA LEU A 96 -4.77 10.26 -1.62
C LEU A 96 -3.70 11.33 -1.55
N LEU A 97 -2.71 11.21 -2.44
CA LEU A 97 -1.75 12.28 -2.69
C LEU A 97 -1.98 12.82 -4.08
N LYS A 98 -2.26 14.13 -4.14
CA LYS A 98 -2.31 14.86 -5.37
C LYS A 98 -0.92 15.38 -5.69
N LEU A 99 -0.38 14.94 -6.80
CA LEU A 99 0.97 15.30 -7.21
C LEU A 99 1.02 16.72 -7.80
N GLU A 100 2.18 17.36 -7.68
CA GLU A 100 2.41 18.70 -8.22
C GLU A 100 2.55 18.70 -9.74
N THR A 101 3.07 17.61 -10.28
CA THR A 101 3.17 17.43 -11.73
C THR A 101 2.57 16.08 -12.08
N THR A 102 2.39 15.83 -13.38
CA THR A 102 1.71 14.64 -13.85
C THR A 102 2.70 13.55 -14.23
N VAL A 103 2.33 12.31 -13.94
CA VAL A 103 3.12 11.16 -14.31
C VAL A 103 2.89 10.83 -15.77
N ASN A 104 3.96 10.83 -16.55
CA ASN A 104 3.87 10.39 -17.93
C ASN A 104 4.02 8.88 -17.97
N TYR A 105 2.94 8.20 -18.34
CA TYR A 105 2.89 6.76 -18.21
C TYR A 105 3.88 6.06 -19.13
N ALA A 106 4.47 4.98 -18.62
CA ALA A 106 5.43 4.15 -19.34
C ALA A 106 5.39 2.73 -18.77
N ASP A 107 6.16 1.82 -19.37
CA ASP A 107 6.24 0.46 -18.83
C ASP A 107 6.82 0.46 -17.40
N SER A 108 7.51 1.52 -17.03
CA SER A 108 8.07 1.68 -15.68
C SER A 108 7.11 2.32 -14.68
N GLN A 109 6.05 2.98 -15.16
CA GLN A 109 5.16 3.74 -14.27
C GLN A 109 3.80 3.93 -14.91
N ARG A 110 2.82 3.19 -14.42
CA ARG A 110 1.49 3.22 -14.99
C ARG A 110 0.46 2.88 -13.92
N PRO A 111 -0.80 3.30 -14.12
CA PRO A 111 -1.80 3.18 -13.07
C PRO A 111 -2.37 1.78 -12.95
N ILE A 112 -2.72 1.39 -11.73
CA ILE A 112 -3.42 0.12 -11.53
C ILE A 112 -4.92 0.40 -11.47
N SER A 113 -5.70 -0.49 -12.06
CA SER A 113 -7.15 -0.34 -12.09
C SER A 113 -7.75 -0.57 -10.71
N LEU A 114 -8.77 0.20 -10.40
CA LEU A 114 -9.52 -0.01 -9.16
C LEU A 114 -10.50 -1.16 -9.34
N PRO A 115 -10.82 -1.87 -8.26
CA PRO A 115 -11.79 -2.96 -8.35
C PRO A 115 -13.19 -2.44 -8.59
N SER A 116 -14.04 -3.27 -9.19
CA SER A 116 -15.41 -2.90 -9.48
C SER A 116 -16.32 -3.42 -8.37
N LYS A 117 -17.36 -2.64 -8.05
CA LYS A 117 -18.37 -3.05 -7.08
C LYS A 117 -19.04 -4.36 -7.48
N GLY A 118 -19.15 -4.60 -8.78
CA GLY A 118 -19.68 -5.87 -9.30
C GLY A 118 -18.81 -7.08 -9.03
N GLU A 119 -17.58 -6.85 -8.58
CA GLU A 119 -16.63 -7.93 -8.31
C GLU A 119 -16.55 -8.33 -6.84
N ARG A 120 -17.54 -7.92 -6.03
CA ARG A 120 -17.53 -8.25 -4.61
C ARG A 120 -17.63 -9.76 -4.32
N ASN A 121 -18.15 -10.52 -5.28
CA ASN A 121 -18.24 -11.98 -5.16
C ASN A 121 -17.10 -12.74 -5.81
N VAL A 122 -16.22 -12.02 -6.53
CA VAL A 122 -15.06 -12.64 -7.15
C VAL A 122 -14.17 -13.23 -6.05
N ILE A 123 -13.74 -14.47 -6.27
CA ILE A 123 -12.76 -15.11 -5.42
C ILE A 123 -11.41 -14.83 -6.06
N TYR A 124 -10.67 -13.87 -5.50
CA TYR A 124 -9.34 -13.54 -6.03
C TYR A 124 -8.36 -14.63 -5.57
N THR A 125 -7.70 -15.28 -6.52
CA THR A 125 -6.81 -16.39 -6.24
C THR A 125 -5.33 -16.09 -6.53
N ASP A 126 -5.05 -14.91 -7.09
CA ASP A 126 -3.71 -14.56 -7.55
C ASP A 126 -3.33 -13.17 -7.04
N CYS A 127 -3.14 -13.07 -5.73
CA CYS A 127 -2.88 -11.80 -5.05
C CYS A 127 -1.46 -11.71 -4.52
N TRP A 128 -0.86 -10.53 -4.70
CA TRP A 128 0.54 -10.29 -4.38
C TRP A 128 0.69 -9.03 -3.54
N VAL A 129 1.52 -9.10 -2.51
CA VAL A 129 1.87 -7.92 -1.72
C VAL A 129 3.32 -7.55 -2.03
N THR A 130 3.57 -6.26 -2.18
CA THR A 130 4.89 -5.78 -2.58
C THR A 130 5.36 -4.62 -1.75
N GLY A 131 6.69 -4.48 -1.63
CA GLY A 131 7.24 -3.32 -0.96
C GLY A 131 8.69 -3.46 -0.55
N TRP A 132 9.22 -2.40 0.05
CA TRP A 132 10.60 -2.33 0.51
C TRP A 132 10.70 -2.53 2.03
N GLY A 133 9.66 -3.08 2.63
CA GLY A 133 9.63 -3.30 4.07
C GLY A 133 10.57 -4.37 4.59
N TYR A 134 10.61 -4.48 5.91
CA TYR A 134 11.42 -5.48 6.59
C TYR A 134 11.06 -6.90 6.12
N ARG A 135 12.05 -7.79 6.15
CA ARG A 135 11.84 -9.20 5.80
CA ARG A 135 11.83 -9.20 5.80
C ARG A 135 11.65 -10.07 7.05
N LYS A 136 11.75 -9.44 8.22
CA LYS A 136 11.46 -10.06 9.53
C LYS A 136 11.00 -8.91 10.43
N LEU A 137 10.32 -9.19 11.55
CA LEU A 137 9.87 -8.13 12.45
CA LEU A 137 9.88 -8.12 12.45
C LEU A 137 11.03 -7.19 12.81
N ARG A 138 12.19 -7.77 13.09
CA ARG A 138 13.40 -6.99 13.31
C ARG A 138 14.30 -7.17 12.10
N ASP A 139 14.43 -6.11 11.32
CA ASP A 139 15.19 -6.17 10.07
C ASP A 139 15.40 -4.73 9.64
N LYS A 140 15.47 -4.46 8.35
CA LYS A 140 15.61 -3.09 7.91
C LYS A 140 14.92 -2.90 6.57
N ILE A 141 14.84 -1.65 6.15
CA ILE A 141 14.29 -1.33 4.84
C ILE A 141 15.16 -1.98 3.77
N GLN A 142 14.51 -2.59 2.79
CA GLN A 142 15.19 -3.31 1.72
C GLN A 142 15.61 -2.36 0.61
N ASN A 143 16.72 -2.69 -0.03
CA ASN A 143 17.10 -2.00 -1.26
C ASN A 143 16.15 -2.35 -2.41
N THR A 144 15.98 -3.64 -2.65
CA THR A 144 15.24 -4.13 -3.81
C THR A 144 13.79 -4.44 -3.44
N LEU A 145 12.87 -3.91 -4.24
CA LEU A 145 11.44 -4.18 -4.07
C LEU A 145 11.14 -5.66 -3.99
N GLN A 146 10.43 -6.07 -2.93
CA GLN A 146 10.11 -7.48 -2.71
C GLN A 146 8.66 -7.80 -3.08
N LYS A 147 8.40 -9.07 -3.35
CA LYS A 147 7.05 -9.54 -3.66
C LYS A 147 6.77 -10.87 -2.96
N ALA A 148 5.50 -11.07 -2.61
CA ALA A 148 5.04 -12.35 -2.06
C ALA A 148 3.61 -12.61 -2.50
N LYS A 149 3.33 -13.85 -2.91
CA LYS A 149 1.97 -14.26 -3.24
C LYS A 149 1.32 -14.74 -1.95
N ILE A 150 0.20 -14.12 -1.56
CA ILE A 150 -0.43 -14.43 -0.29
C ILE A 150 -1.91 -14.68 -0.50
N PRO A 151 -2.45 -15.75 0.12
CA PRO A 151 -3.87 -16.04 -0.05
C PRO A 151 -4.75 -15.16 0.81
N LEU A 152 -5.88 -14.73 0.24
CA LEU A 152 -6.87 -14.02 1.02
C LEU A 152 -7.53 -14.98 2.00
N VAL A 153 -7.91 -14.46 3.17
CA VAL A 153 -8.70 -15.22 4.13
C VAL A 153 -10.01 -14.48 4.34
N THR A 154 -11.05 -15.20 4.71
CA THR A 154 -12.36 -14.60 4.90
C THR A 154 -12.30 -13.66 6.09
N ASN A 155 -13.17 -12.66 6.10
CA ASN A 155 -13.26 -11.77 7.25
C ASN A 155 -13.68 -12.52 8.53
N GLU A 156 -14.49 -13.57 8.36
CA GLU A 156 -14.89 -14.40 9.50
C GLU A 156 -13.66 -15.06 10.11
N GLU A 157 -12.79 -15.61 9.26
CA GLU A 157 -11.54 -16.23 9.72
C GLU A 157 -10.65 -15.17 10.41
N CYS A 158 -10.46 -14.07 9.72
CA CYS A 158 -9.61 -12.99 10.24
C CYS A 158 -10.07 -12.50 11.61
N GLN A 159 -11.38 -12.34 11.80
CA GLN A 159 -11.92 -11.88 13.08
C GLN A 159 -11.55 -12.83 14.22
N LYS A 160 -11.57 -14.14 13.94
CA LYS A 160 -11.20 -15.13 14.95
C LYS A 160 -9.74 -15.01 15.37
N ARG A 161 -8.90 -14.46 14.48
CA ARG A 161 -7.48 -14.27 14.76
C ARG A 161 -7.18 -12.95 15.48
N TYR A 162 -8.12 -12.02 15.44
CA TYR A 162 -7.97 -10.71 16.10
C TYR A 162 -9.18 -10.40 16.98
N ARG A 163 -9.38 -11.19 18.02
CA ARG A 163 -10.58 -11.05 18.85
C ARG A 163 -10.57 -9.79 19.74
N GLY A 164 -9.41 -9.16 19.87
CA GLY A 164 -9.31 -7.87 20.54
C GLY A 164 -9.61 -6.68 19.65
N HIS A 165 -9.85 -6.94 18.36
CA HIS A 165 -10.20 -5.92 17.37
C HIS A 165 -11.56 -6.18 16.74
N LYS A 166 -12.00 -5.22 15.94
CA LYS A 166 -13.14 -5.41 15.06
C LYS A 166 -12.64 -5.43 13.63
N ILE A 167 -12.68 -6.59 13.00
CA ILE A 167 -12.34 -6.68 11.59
C ILE A 167 -13.62 -6.38 10.83
N THR A 168 -13.61 -5.27 10.10
CA THR A 168 -14.81 -4.71 9.49
C THR A 168 -14.92 -5.14 8.02
N HIS A 169 -16.09 -4.89 7.43
CA HIS A 169 -16.30 -5.22 6.02
C HIS A 169 -15.50 -4.33 5.06
N LYS A 170 -14.92 -3.24 5.57
CA LYS A 170 -14.05 -2.38 4.78
C LYS A 170 -12.57 -2.75 5.01
N MET A 171 -12.33 -3.91 5.60
CA MET A 171 -10.99 -4.50 5.70
C MET A 171 -10.97 -5.83 4.96
N ILE A 172 -9.79 -6.22 4.51
CA ILE A 172 -9.58 -7.53 3.93
C ILE A 172 -8.27 -8.07 4.49
N CYS A 173 -8.23 -9.38 4.73
CA CYS A 173 -7.08 -10.02 5.35
C CYS A 173 -6.43 -11.03 4.40
N ALA A 174 -5.13 -11.23 4.57
CA ALA A 174 -4.37 -12.17 3.74
C ALA A 174 -3.25 -12.78 4.56
N GLY A 175 -3.02 -14.07 4.37
CA GLY A 175 -1.97 -14.77 5.10
C GLY A 175 -2.17 -16.27 5.11
N TYR A 176 -1.16 -16.98 5.59
CA TYR A 176 -1.24 -18.43 5.78
C TYR A 176 -1.50 -18.71 7.26
N ARG A 177 -2.26 -19.76 7.54
CA ARG A 177 -2.52 -20.19 8.92
C ARG A 177 -1.23 -20.33 9.71
N GLU A 178 -0.25 -20.98 9.09
CA GLU A 178 1.04 -21.25 9.72
C GLU A 178 2.01 -20.06 9.63
N GLY A 179 1.58 -18.97 8.98
CA GLY A 179 2.40 -17.78 8.84
C GLY A 179 3.45 -17.93 7.77
N GLY A 180 4.45 -17.05 7.80
CA GLY A 180 5.62 -17.18 6.94
C GLY A 180 5.70 -16.22 5.76
N LYS A 181 4.57 -15.68 5.33
CA LYS A 181 4.55 -14.67 4.28
C LYS A 181 3.58 -13.56 4.67
N ASP A 182 4.05 -12.32 4.63
CA ASP A 182 3.26 -11.19 5.12
C ASP A 182 3.93 -9.90 4.70
N ALA A 183 3.19 -8.81 4.76
CA ALA A 183 3.82 -7.49 4.76
C ALA A 183 4.48 -7.25 6.13
N CYS A 184 5.36 -6.26 6.20
CA CYS A 184 6.00 -5.90 7.46
C CYS A 184 6.37 -4.43 7.43
N LYS A 185 7.13 -3.99 8.43
CA LYS A 185 7.40 -2.58 8.60
C LYS A 185 8.02 -1.96 7.36
N GLY A 186 7.41 -0.90 6.86
CA GLY A 186 7.87 -0.21 5.67
C GLY A 186 7.08 -0.55 4.43
N ASP A 187 6.20 -1.56 4.53
CA ASP A 187 5.36 -1.97 3.39
C ASP A 187 4.04 -1.23 3.38
N SER A 188 3.65 -0.63 4.49
CA SER A 188 2.32 -0.04 4.55
C SER A 188 2.11 1.08 3.53
N GLY A 189 0.86 1.22 3.09
CA GLY A 189 0.48 2.15 2.04
C GLY A 189 0.59 1.57 0.64
N GLY A 190 1.40 0.53 0.47
CA GLY A 190 1.55 -0.16 -0.79
C GLY A 190 0.38 -1.05 -1.14
N PRO A 191 0.44 -1.64 -2.33
CA PRO A 191 -0.68 -2.39 -2.87
C PRO A 191 -0.73 -3.86 -2.48
N LEU A 192 -1.96 -4.36 -2.38
CA LEU A 192 -2.26 -5.79 -2.47
C LEU A 192 -2.93 -5.88 -3.84
N SER A 193 -2.20 -6.47 -4.80
CA SER A 193 -2.60 -6.47 -6.21
C SER A 193 -3.04 -7.86 -6.59
N CYS A 194 -4.24 -7.98 -7.17
CA CYS A 194 -4.75 -9.29 -7.56
C CYS A 194 -5.02 -9.31 -9.07
N LYS A 195 -4.53 -10.35 -9.74
CA LYS A 195 -4.71 -10.50 -11.17
C LYS A 195 -5.96 -11.34 -11.42
N HIS A 196 -6.91 -10.76 -12.16
CA HIS A 196 -8.18 -11.41 -12.44
C HIS A 196 -8.59 -11.08 -13.86
N ASN A 197 -8.90 -12.11 -14.64
CA ASN A 197 -9.21 -11.94 -16.07
C ASN A 197 -8.14 -11.12 -16.80
N GLU A 198 -6.88 -11.46 -16.52
CA GLU A 198 -5.72 -10.86 -17.17
C GLU A 198 -5.54 -9.36 -16.95
N VAL A 199 -6.08 -8.86 -15.85
CA VAL A 199 -5.93 -7.45 -15.48
C VAL A 199 -5.60 -7.39 -13.99
N TRP A 200 -4.63 -6.53 -13.64
CA TRP A 200 -4.30 -6.30 -12.23
C TRP A 200 -5.28 -5.33 -11.61
N HIS A 201 -5.77 -5.67 -10.43
CA HIS A 201 -6.69 -4.83 -9.68
C HIS A 201 -6.12 -4.51 -8.31
N LEU A 202 -6.32 -3.26 -7.88
CA LEU A 202 -5.87 -2.83 -6.56
C LEU A 202 -6.93 -3.21 -5.53
N VAL A 203 -6.77 -4.40 -4.95
CA VAL A 203 -7.76 -4.96 -4.03
C VAL A 203 -7.58 -4.42 -2.62
N GLY A 204 -6.33 -4.23 -2.20
CA GLY A 204 -6.06 -3.78 -0.84
C GLY A 204 -4.93 -2.77 -0.74
N ILE A 205 -4.91 -2.08 0.40
CA ILE A 205 -3.80 -1.24 0.80
C ILE A 205 -3.23 -1.80 2.10
N THR A 206 -1.94 -2.12 2.10
CA THR A 206 -1.24 -2.66 3.27
C THR A 206 -1.42 -1.72 4.46
N SER A 207 -1.98 -2.24 5.56
CA SER A 207 -2.41 -1.41 6.68
C SER A 207 -1.78 -1.80 8.03
N TRP A 208 -2.12 -2.97 8.56
CA TRP A 208 -1.59 -3.39 9.87
C TRP A 208 -1.65 -4.88 10.14
N GLY A 209 -0.99 -5.29 11.21
CA GLY A 209 -1.08 -6.67 11.71
C GLY A 209 -0.37 -6.77 13.05
N GLU A 210 -0.56 -7.88 13.76
CA GLU A 210 0.19 -8.10 15.00
C GLU A 210 1.46 -8.87 14.66
N GLY A 211 2.58 -8.17 14.73
CA GLY A 211 3.86 -8.73 14.28
C GLY A 211 3.85 -8.91 12.77
N CYS A 212 4.81 -9.68 12.27
CA CYS A 212 4.94 -9.93 10.84
C CYS A 212 5.06 -11.42 10.55
N ALA A 213 4.12 -11.93 9.77
CA ALA A 213 4.14 -13.31 9.29
C ALA A 213 3.97 -14.35 10.39
N GLN A 214 3.36 -13.96 11.51
CA GLN A 214 3.18 -14.88 12.64
C GLN A 214 2.07 -15.87 12.36
N ARG A 215 2.18 -17.03 12.99
CA ARG A 215 1.13 -18.04 12.95
C ARG A 215 -0.17 -17.37 13.40
N GLU A 216 -1.25 -17.65 12.69
CA GLU A 216 -2.59 -17.21 13.06
C GLU A 216 -2.71 -15.68 13.27
N ARG A 217 -1.93 -14.91 12.53
CA ARG A 217 -2.05 -13.45 12.55
C ARG A 217 -1.95 -12.93 11.12
N PRO A 218 -3.05 -13.00 10.36
CA PRO A 218 -3.02 -12.52 8.97
C PRO A 218 -2.77 -11.02 8.89
N GLY A 219 -2.25 -10.57 7.75
CA GLY A 219 -2.08 -9.15 7.52
C GLY A 219 -3.44 -8.53 7.21
N VAL A 220 -3.64 -7.29 7.65
CA VAL A 220 -4.90 -6.58 7.44
C VAL A 220 -4.69 -5.40 6.47
N TYR A 221 -5.62 -5.29 5.54
CA TYR A 221 -5.52 -4.38 4.41
C TYR A 221 -6.82 -3.59 4.30
N THR A 222 -6.71 -2.35 3.85
CA THR A 222 -7.88 -1.56 3.51
C THR A 222 -8.54 -2.16 2.29
N ASN A 223 -9.85 -2.42 2.38
CA ASN A 223 -10.59 -3.05 1.29
C ASN A 223 -10.97 -1.98 0.26
N VAL A 224 -10.19 -1.88 -0.81
CA VAL A 224 -10.28 -0.71 -1.70
C VAL A 224 -11.66 -0.51 -2.36
N VAL A 225 -12.32 -1.61 -2.73
CA VAL A 225 -13.62 -1.52 -3.40
C VAL A 225 -14.65 -0.79 -2.53
N GLU A 226 -14.47 -0.86 -1.22
CA GLU A 226 -15.37 -0.17 -0.29
C GLU A 226 -15.15 1.35 -0.25
N TYR A 227 -14.16 1.85 -0.99
CA TYR A 227 -13.85 3.28 -1.03
C TYR A 227 -13.86 3.92 -2.42
N VAL A 228 -14.31 3.20 -3.44
CA VAL A 228 -14.27 3.76 -4.80
C VAL A 228 -15.14 5.01 -4.95
N ASP A 229 -16.25 5.09 -4.22
CA ASP A 229 -17.06 6.31 -4.24
C ASP A 229 -16.31 7.48 -3.60
N TRP A 230 -15.63 7.20 -2.49
CA TRP A 230 -14.81 8.22 -1.82
C TRP A 230 -13.68 8.69 -2.71
N ILE A 231 -12.98 7.75 -3.36
CA ILE A 231 -11.89 8.10 -4.25
C ILE A 231 -12.41 9.01 -5.37
N LEU A 232 -13.54 8.65 -5.97
CA LEU A 232 -14.13 9.47 -7.03
C LEU A 232 -14.46 10.87 -6.57
N GLU A 233 -15.14 10.97 -5.43
CA GLU A 233 -15.55 12.26 -4.89
C GLU A 233 -14.34 13.17 -4.67
N LYS A 234 -13.31 12.63 -4.02
CA LYS A 234 -12.13 13.43 -3.68
C LYS A 234 -11.27 13.82 -4.88
N THR A 235 -11.13 12.91 -5.85
CA THR A 235 -10.33 13.22 -7.04
C THR A 235 -11.07 14.16 -8.00
N GLN A 236 -12.40 14.25 -7.87
CA GLN A 236 -13.19 15.17 -8.70
C GLN A 236 -13.22 16.58 -8.09
N ALA A 237 -12.89 16.67 -6.80
CA ALA A 237 -12.49 17.93 -6.13
C ALA A 237 -13.54 19.02 -6.12
C24 OTM B . 3.96 -0.97 8.16
O25 OTM B . 4.68 -0.61 7.23
C26 OTM B . 3.35 -2.33 8.09
C27 OTM B . 2.65 -2.86 9.11
C28 OTM B . 2.09 -4.22 8.92
C29 OTM B . 1.19 -4.48 7.90
C30 OTM B . 0.64 -5.74 7.71
C31 OTM B . 1.00 -6.78 8.55
C32 OTM B . 1.89 -6.54 9.57
C33 OTM B . 2.43 -5.28 9.75
N34 OTM B . 3.33 -5.11 10.82
C35 OTM B . 3.11 -5.32 12.14
N36 OTM B . 4.20 -4.99 12.80
N37 OTM B . 5.10 -4.58 11.85
N38 OTM B . 4.58 -4.64 10.65
CL OTM B . -0.49 -6.03 6.42
N23 OTM B . 3.68 -0.15 9.23
C8 OTM B . 4.23 1.20 9.20
C9 OTM B . 5.67 1.14 9.71
O10 OTM B . 6.01 0.63 10.76
C7 OTM B . 3.44 2.10 10.15
C4 OTM B . 3.82 3.54 10.07
C3 OTM B . 3.87 4.29 11.22
C5 OTM B . 4.10 4.17 8.86
C2 OTM B . 4.19 5.63 11.20
C6 OTM B . 4.42 5.51 8.82
C1 OTM B . 4.47 6.24 10.00
N11 OTM B . 6.52 1.78 8.82
C12 OTM B . 7.93 1.89 8.91
C13 OTM B . 8.58 2.61 7.94
C14 OTM B . 9.96 2.76 7.96
C15 OTM B . 10.69 2.18 8.97
C16 OTM B . 10.04 1.47 9.95
C17 OTM B . 8.66 1.32 9.93
C18 OTM B . 12.13 2.27 9.00
N19 OTM B . 12.85 3.24 8.37
N20 OTM B . 14.16 3.03 8.57
N21 OTM B . 14.22 1.93 9.29
N22 OTM B . 12.98 1.45 9.57
S SO4 C . -22.90 -0.08 -2.53
O1 SO4 C . -22.93 -1.40 -3.18
O2 SO4 C . -22.96 0.97 -3.57
O3 SO4 C . -24.08 0.04 -1.64
O4 SO4 C . -21.67 0.08 -1.74
#